data_7P9R
#
_entry.id   7P9R
#
_cell.length_a   67.226
_cell.length_b   131.534
_cell.length_c   66.215
_cell.angle_alpha   90.000
_cell.angle_beta   90.000
_cell.angle_gamma   90.000
#
_symmetry.space_group_name_H-M   'P 21 21 2'
#
loop_
_entity.id
_entity.type
_entity.pdbx_description
1 polymer "5'-nucleotidase"
2 non-polymer 'ZINC ION'
3 non-polymer 'CALCIUM ION'
4 non-polymer GLYCEROL
5 non-polymer "GUANOSINE-5'-MONOPHOSPHATE"
6 water water
#
_entity_poly.entity_id   1
_entity_poly.type   'polypeptide(L)'
_entity_poly.pdbx_seq_one_letter_code
;MAHHHHHHVGTGSNDDDDKSPDPWELTILHTNDVHSRLEQTSEDSSKCVDASRCMGGVARLFTKVQQIRRAEPNVLLLDA
GDQYQGTIWFTVYKGAEVAHFMNALRYDAMALGNHEFDNGVEGLIEPLLKEAKFPILSANISASGPLASQISGLYLPYKV
LPVGDEVVGIVGYTSKETPFLSNPGTNLVFEDEITALQPEVDKLKTLNVNKIIALGHSGFEMDKLIAQKVRGVDVVVGGH
SNTFLYTGNPPSKEVPAGKYPFIVTSDDGRKVPVVQAYAFGKYLGYLKIEFDERGNVISSHGNPILLDSSIPEDPSIKAD
INKWRIKLDDYSTQELGKTIVYLDGSSQSCRFRECNMGNLICDAMINNNLRHADEMFWNHVSMCILNGGGIRSPIDERND
GTITWENLAAVLPFGGTFDLVQLKGSTLKKAFEHSVHRYGQSTGEFLQVGGIHVVYDLSRKPGDRVVKLDVLCTSCRVPS
YDPLKMDEVYKVILPNFLANGGDGFQMIKDELLRHDSGDQDINVVSTYISKMKVIYPAVEGRIKFS
;
_entity_poly.pdbx_strand_id   A
#
loop_
_chem_comp.id
_chem_comp.type
_chem_comp.name
_chem_comp.formula
5GP non-polymer GUANOSINE-5'-MONOPHOSPHATE 'C10 H14 N5 O8 P'
CA non-polymer 'CALCIUM ION' 'Ca 2'
GOL non-polymer GLYCEROL 'C3 H8 O3'
ZN non-polymer 'ZINC ION' 'Zn 2'
#
# COMPACT_ATOMS: atom_id res chain seq x y z
N PRO A 23 -0.95 20.50 -32.84
CA PRO A 23 -1.22 19.85 -31.53
C PRO A 23 0.03 19.71 -30.66
N TRP A 24 -0.13 19.91 -29.37
CA TRP A 24 0.96 19.92 -28.38
C TRP A 24 0.91 18.58 -27.65
N GLU A 25 1.97 17.79 -27.78
CA GLU A 25 1.97 16.40 -27.26
C GLU A 25 2.76 16.35 -25.94
N LEU A 26 2.13 15.76 -24.94
CA LEU A 26 2.73 15.56 -23.61
C LEU A 26 2.83 14.07 -23.35
N THR A 27 4.01 13.65 -22.87
CA THR A 27 4.24 12.27 -22.42
C THR A 27 4.18 12.30 -20.89
N ILE A 28 3.23 11.59 -20.33
CA ILE A 28 3.16 11.44 -18.85
C ILE A 28 3.73 10.06 -18.51
N LEU A 29 4.82 10.09 -17.75
CA LEU A 29 5.39 8.91 -17.15
C LEU A 29 4.96 8.85 -15.70
N HIS A 30 4.52 7.71 -15.21
CA HIS A 30 3.95 7.73 -13.83
C HIS A 30 4.19 6.39 -13.13
N THR A 31 4.42 6.54 -11.84
CA THR A 31 4.47 5.44 -10.88
C THR A 31 3.48 5.68 -9.74
N ASN A 32 3.10 4.62 -9.05
CA ASN A 32 2.24 4.67 -7.86
C ASN A 32 2.48 3.42 -7.02
N ASP A 33 2.35 3.58 -5.71
CA ASP A 33 2.38 2.44 -4.80
C ASP A 33 3.71 1.67 -5.00
N VAL A 34 4.80 2.39 -5.18
CA VAL A 34 6.12 1.76 -5.32
C VAL A 34 6.47 1.03 -4.01
N HIS A 35 6.07 1.55 -2.85
CA HIS A 35 6.14 0.78 -1.59
C HIS A 35 7.55 0.21 -1.39
N SER A 36 8.55 1.10 -1.44
CA SER A 36 9.89 0.81 -0.92
CA SER A 36 9.89 0.82 -0.92
C SER A 36 10.57 -0.29 -1.75
N ARG A 37 10.12 -0.49 -2.99
CA ARG A 37 10.83 -1.44 -3.88
C ARG A 37 11.99 -0.70 -4.58
N LEU A 38 12.97 -0.27 -3.80
CA LEU A 38 14.15 0.46 -4.34
C LEU A 38 14.97 -0.50 -5.20
N GLU A 39 15.10 -1.75 -4.74
CA GLU A 39 15.84 -2.77 -5.46
C GLU A 39 14.92 -3.50 -6.43
N GLN A 40 15.52 -4.04 -7.47
CA GLN A 40 14.75 -4.96 -8.33
C GLN A 40 14.17 -6.10 -7.52
N THR A 41 13.10 -6.67 -8.04
CA THR A 41 12.27 -7.68 -7.38
C THR A 41 12.10 -8.94 -8.23
N SER A 42 11.58 -9.99 -7.60
CA SER A 42 10.98 -11.12 -8.33
C SER A 42 9.75 -10.62 -9.11
N GLU A 43 9.20 -11.49 -9.94
CA GLU A 43 7.96 -11.27 -10.72
C GLU A 43 6.79 -10.92 -9.79
N ASP A 44 6.77 -11.41 -8.56
CA ASP A 44 5.67 -11.22 -7.59
C ASP A 44 6.05 -10.06 -6.66
N SER A 45 7.14 -9.35 -6.93
CA SER A 45 7.51 -8.09 -6.24
C SER A 45 8.14 -8.40 -4.89
N SER A 46 8.49 -9.67 -4.66
CA SER A 46 9.23 -10.07 -3.43
C SER A 46 10.73 -9.97 -3.73
N LYS A 47 11.55 -10.44 -2.82
CA LYS A 47 13.02 -10.42 -2.95
C LYS A 47 13.44 -11.03 -4.30
N CYS A 48 14.35 -10.34 -4.97
CA CYS A 48 14.99 -10.84 -6.21
C CYS A 48 15.90 -12.02 -5.85
N VAL A 49 15.70 -13.18 -6.49
CA VAL A 49 16.50 -14.42 -6.25
C VAL A 49 17.29 -14.74 -7.51
N ASP A 50 16.62 -14.80 -8.66
CA ASP A 50 17.28 -15.09 -9.96
C ASP A 50 17.41 -13.75 -10.70
N ALA A 51 18.56 -13.06 -10.54
CA ALA A 51 18.82 -11.67 -11.03
C ALA A 51 18.46 -11.55 -12.52
N SER A 52 18.69 -12.60 -13.29
CA SER A 52 18.48 -12.60 -14.75
C SER A 52 16.98 -12.49 -15.09
N ARG A 53 16.08 -12.75 -14.15
CA ARG A 53 14.61 -12.72 -14.35
C ARG A 53 13.98 -11.64 -13.45
N CYS A 54 14.76 -10.78 -12.79
CA CYS A 54 14.19 -9.78 -11.85
C CYS A 54 13.70 -8.53 -12.60
N MET A 55 12.99 -7.67 -11.88
CA MET A 55 12.13 -6.65 -12.49
C MET A 55 12.15 -5.39 -11.64
N GLY A 56 11.84 -4.27 -12.24
CA GLY A 56 11.67 -3.06 -11.45
C GLY A 56 12.94 -2.62 -10.76
N GLY A 57 12.74 -1.87 -9.68
CA GLY A 57 13.82 -1.19 -9.00
C GLY A 57 14.09 0.18 -9.61
N VAL A 58 14.71 1.04 -8.84
CA VAL A 58 14.92 2.45 -9.28
CA VAL A 58 14.91 2.43 -9.27
C VAL A 58 16.04 2.52 -10.31
N ALA A 59 17.03 1.63 -10.23
CA ALA A 59 18.13 1.71 -11.24
C ALA A 59 17.60 1.40 -12.64
N ARG A 60 16.74 0.41 -12.75
CA ARG A 60 16.10 0.09 -14.05
C ARG A 60 15.14 1.18 -14.47
N LEU A 61 14.34 1.70 -13.55
CA LEU A 61 13.45 2.82 -13.89
C LEU A 61 14.27 3.97 -14.45
N PHE A 62 15.42 4.28 -13.83
CA PHE A 62 16.24 5.41 -14.32
C PHE A 62 16.56 5.19 -15.81
N THR A 63 17.04 3.99 -16.15
CA THR A 63 17.42 3.68 -17.56
C THR A 63 16.26 4.02 -18.49
N LYS A 64 15.06 3.54 -18.15
CA LYS A 64 13.91 3.67 -19.04
C LYS A 64 13.48 5.15 -19.15
N VAL A 65 13.38 5.84 -18.01
CA VAL A 65 12.98 7.27 -18.01
C VAL A 65 14.00 8.05 -18.84
N GLN A 66 15.29 7.77 -18.69
CA GLN A 66 16.34 8.52 -19.40
C GLN A 66 16.18 8.29 -20.91
N GLN A 67 15.89 7.06 -21.29
CA GLN A 67 15.68 6.73 -22.73
CA GLN A 67 15.69 6.74 -22.72
C GLN A 67 14.52 7.55 -23.28
N ILE A 68 13.42 7.55 -22.54
CA ILE A 68 12.20 8.27 -23.00
C ILE A 68 12.48 9.76 -23.09
N ARG A 69 13.15 10.33 -22.12
CA ARG A 69 13.46 11.76 -22.17
C ARG A 69 14.43 12.11 -23.30
N ARG A 70 15.22 11.16 -23.81
CA ARG A 70 16.02 11.46 -25.01
C ARG A 70 15.10 11.59 -26.22
N ALA A 71 14.01 10.85 -26.28
CA ALA A 71 13.17 10.65 -27.48
C ALA A 71 11.97 11.61 -27.53
N GLU A 72 11.44 12.06 -26.40
CA GLU A 72 10.16 12.80 -26.38
C GLU A 72 10.40 14.18 -25.80
N PRO A 73 9.95 15.27 -26.47
CA PRO A 73 10.29 16.63 -26.04
C PRO A 73 9.64 17.07 -24.73
N ASN A 74 8.39 16.68 -24.53
CA ASN A 74 7.56 17.21 -23.41
C ASN A 74 7.23 16.05 -22.50
N VAL A 75 7.97 15.90 -21.40
CA VAL A 75 7.80 14.74 -20.51
C VAL A 75 7.59 15.23 -19.09
N LEU A 76 6.62 14.63 -18.41
CA LEU A 76 6.51 14.77 -16.97
C LEU A 76 6.62 13.38 -16.38
N LEU A 77 7.35 13.31 -15.27
CA LEU A 77 7.47 12.07 -14.46
C LEU A 77 6.76 12.34 -13.13
N LEU A 78 5.69 11.62 -12.89
CA LEU A 78 4.79 11.85 -11.75
C LEU A 78 4.73 10.61 -10.87
N ASP A 79 4.56 10.83 -9.56
CA ASP A 79 4.26 9.71 -8.66
C ASP A 79 2.95 9.98 -7.92
N ALA A 80 2.06 8.99 -7.87
CA ALA A 80 0.73 9.17 -7.26
C ALA A 80 0.67 8.64 -5.81
N GLY A 81 1.83 8.60 -5.15
CA GLY A 81 1.89 8.38 -3.71
C GLY A 81 2.23 6.95 -3.33
N ASP A 82 2.44 6.75 -2.04
CA ASP A 82 2.77 5.46 -1.42
C ASP A 82 4.13 4.96 -1.93
N GLN A 83 5.11 5.86 -1.93
CA GLN A 83 6.53 5.47 -1.89
C GLN A 83 6.89 4.85 -0.51
N TYR A 84 6.41 5.46 0.55
CA TYR A 84 6.64 4.97 1.93
C TYR A 84 6.03 3.56 2.08
N GLN A 85 6.73 2.78 2.90
CA GLN A 85 6.30 1.48 3.51
C GLN A 85 6.44 0.33 2.50
N GLY A 86 7.13 -0.74 2.91
CA GLY A 86 7.11 -1.96 2.06
C GLY A 86 8.30 -2.88 2.26
N THR A 87 9.47 -2.34 2.58
CA THR A 87 10.66 -3.16 2.74
C THR A 87 11.51 -2.55 3.85
N ILE A 88 12.57 -3.30 4.18
CA ILE A 88 13.60 -2.84 5.12
C ILE A 88 14.16 -1.46 4.76
N TRP A 89 14.17 -1.08 3.50
CA TRP A 89 14.64 0.28 3.12
C TRP A 89 13.90 1.32 3.95
N PHE A 90 12.58 1.23 3.95
CA PHE A 90 11.74 2.21 4.71
C PHE A 90 11.97 2.06 6.21
N THR A 91 12.09 0.84 6.72
CA THR A 91 12.35 0.60 8.16
C THR A 91 13.57 1.40 8.60
N VAL A 92 14.64 1.32 7.83
CA VAL A 92 15.95 1.90 8.22
C VAL A 92 16.05 3.39 7.86
N TYR A 93 15.66 3.73 6.62
CA TYR A 93 15.92 5.09 6.09
C TYR A 93 14.71 6.03 6.28
N LYS A 94 13.55 5.44 6.54
CA LYS A 94 12.35 6.20 7.03
C LYS A 94 11.97 7.36 6.08
N GLY A 95 12.12 7.16 4.77
CA GLY A 95 11.78 8.13 3.74
C GLY A 95 12.97 8.92 3.18
N ALA A 96 14.15 8.88 3.81
CA ALA A 96 15.35 9.53 3.25
C ALA A 96 15.67 8.89 1.89
N GLU A 97 15.45 7.57 1.76
CA GLU A 97 15.71 6.85 0.50
C GLU A 97 14.75 7.34 -0.57
N VAL A 98 13.53 7.69 -0.17
CA VAL A 98 12.50 8.15 -1.13
C VAL A 98 12.96 9.49 -1.69
N ALA A 99 13.27 10.42 -0.81
CA ALA A 99 13.69 11.76 -1.29
C ALA A 99 14.95 11.58 -2.16
N HIS A 100 15.90 10.78 -1.69
CA HIS A 100 17.20 10.68 -2.40
C HIS A 100 17.02 10.09 -3.79
N PHE A 101 16.33 8.96 -3.89
CA PHE A 101 16.23 8.27 -5.20
C PHE A 101 15.19 8.95 -6.09
N MET A 102 14.12 9.51 -5.54
CA MET A 102 13.17 10.24 -6.41
C MET A 102 13.85 11.52 -6.93
N ASN A 103 14.68 12.14 -6.10
CA ASN A 103 15.47 13.30 -6.57
C ASN A 103 16.41 12.87 -7.70
N ALA A 104 17.08 11.71 -7.58
CA ALA A 104 18.04 11.20 -8.60
C ALA A 104 17.31 10.93 -9.91
N LEU A 105 16.07 10.48 -9.84
CA LEU A 105 15.26 10.20 -11.04
C LEU A 105 14.61 11.49 -11.57
N ARG A 106 14.73 12.62 -10.85
CA ARG A 106 14.20 13.92 -11.27
CA ARG A 106 14.20 13.94 -11.29
C ARG A 106 12.68 13.79 -11.49
N TYR A 107 11.96 13.20 -10.53
CA TYR A 107 10.47 13.34 -10.56
C TYR A 107 10.10 14.81 -10.66
N ASP A 108 9.01 15.07 -11.37
CA ASP A 108 8.48 16.44 -11.52
C ASP A 108 7.45 16.77 -10.43
N ALA A 109 6.75 15.78 -9.90
CA ALA A 109 5.74 16.03 -8.85
C ALA A 109 5.29 14.71 -8.25
N MET A 110 4.86 14.75 -7.00
CA MET A 110 4.33 13.56 -6.29
C MET A 110 3.08 13.98 -5.52
N ALA A 111 2.05 13.15 -5.50
CA ALA A 111 0.91 13.32 -4.57
C ALA A 111 1.17 12.52 -3.32
N LEU A 112 0.67 13.04 -2.19
CA LEU A 112 0.72 12.31 -0.91
C LEU A 112 -0.22 11.12 -0.93
N GLY A 113 0.32 9.96 -0.57
CA GLY A 113 -0.51 8.76 -0.36
C GLY A 113 -0.81 8.55 1.11
N ASN A 114 -1.61 7.54 1.41
CA ASN A 114 -1.91 7.27 2.80
C ASN A 114 -0.64 6.86 3.54
N HIS A 115 0.21 6.04 2.94
CA HIS A 115 1.37 5.50 3.69
C HIS A 115 2.42 6.58 3.92
N GLU A 116 2.38 7.74 3.24
CA GLU A 116 3.28 8.85 3.60
C GLU A 116 3.01 9.35 5.03
N PHE A 117 1.95 8.91 5.68
CA PHE A 117 1.62 9.30 7.07
C PHE A 117 1.95 8.20 8.06
N ASP A 118 2.70 7.16 7.67
CA ASP A 118 2.88 5.99 8.56
C ASP A 118 3.69 6.35 9.79
N ASN A 119 4.65 7.25 9.63
CA ASN A 119 5.50 7.75 10.74
C ASN A 119 5.01 9.09 11.25
N GLY A 120 3.73 9.33 11.08
CA GLY A 120 3.12 10.57 11.54
C GLY A 120 3.48 11.74 10.65
N VAL A 121 2.93 12.88 10.97
CA VAL A 121 3.26 14.14 10.24
CA VAL A 121 3.27 14.07 10.15
C VAL A 121 4.77 14.41 10.34
N GLU A 122 5.37 14.17 11.51
CA GLU A 122 6.78 14.53 11.70
C GLU A 122 7.63 13.67 10.76
N GLY A 123 7.22 12.40 10.53
CA GLY A 123 7.99 11.48 9.66
C GLY A 123 7.74 11.72 8.18
N LEU A 124 6.83 12.62 7.85
CA LEU A 124 6.61 13.12 6.49
C LEU A 124 7.37 14.42 6.27
N ILE A 125 7.24 15.35 7.20
CA ILE A 125 7.93 16.65 7.05
C ILE A 125 9.43 16.42 6.92
N GLU A 126 10.08 15.65 7.79
N GLU A 126 9.95 15.60 7.83
CA GLU A 126 11.56 15.80 7.94
CA GLU A 126 11.37 15.21 7.87
C GLU A 126 12.29 15.05 6.82
C GLU A 126 11.45 13.68 7.76
N PRO A 127 11.99 13.75 6.52
N PRO A 127 11.77 13.15 6.54
CA PRO A 127 12.78 13.05 5.53
CA PRO A 127 12.79 13.74 5.66
C PRO A 127 12.26 13.41 4.15
C PRO A 127 12.12 14.24 4.37
N LEU A 128 10.96 13.72 3.98
CA LEU A 128 10.47 13.86 2.58
C LEU A 128 10.16 15.30 2.20
N LEU A 129 9.28 15.96 2.95
CA LEU A 129 8.85 17.30 2.44
C LEU A 129 10.03 18.26 2.44
N LYS A 130 10.95 18.14 3.41
CA LYS A 130 12.07 19.09 3.47
C LYS A 130 13.15 18.73 2.46
N GLU A 131 13.22 17.49 1.96
CA GLU A 131 14.41 17.08 1.17
C GLU A 131 14.05 16.88 -0.31
N ALA A 132 12.77 16.74 -0.65
CA ALA A 132 12.36 16.54 -2.05
C ALA A 132 12.71 17.79 -2.85
N LYS A 133 13.21 17.59 -4.08
CA LYS A 133 13.49 18.73 -5.01
C LYS A 133 12.32 18.98 -5.95
N PHE A 134 11.21 18.33 -5.74
CA PHE A 134 9.99 18.44 -6.57
C PHE A 134 8.84 18.74 -5.62
N PRO A 135 7.77 19.33 -6.15
CA PRO A 135 6.58 19.64 -5.37
C PRO A 135 5.84 18.37 -4.94
N ILE A 136 5.33 18.44 -3.71
CA ILE A 136 4.53 17.37 -3.10
C ILE A 136 3.12 17.91 -2.87
N LEU A 137 2.12 17.21 -3.38
CA LEU A 137 0.79 17.79 -3.64
C LEU A 137 -0.30 17.03 -2.92
N SER A 138 -1.24 17.83 -2.38
CA SER A 138 -2.54 17.35 -1.92
C SER A 138 -3.44 18.56 -1.64
N ALA A 139 -4.54 18.63 -2.37
CA ALA A 139 -5.51 19.74 -2.29
C ALA A 139 -6.53 19.52 -1.18
N ASN A 140 -6.64 18.33 -0.59
CA ASN A 140 -7.76 17.95 0.31
C ASN A 140 -7.26 17.66 1.74
N ILE A 141 -6.05 18.11 2.07
CA ILE A 141 -5.56 17.96 3.46
C ILE A 141 -5.36 19.35 4.04
N SER A 142 -5.99 19.62 5.16
CA SER A 142 -5.83 20.91 5.88
C SER A 142 -5.31 20.67 7.30
N ALA A 143 -4.52 21.60 7.79
CA ALA A 143 -3.93 21.55 9.15
C ALA A 143 -4.55 22.67 9.98
N SER A 144 -4.57 22.45 11.28
CA SER A 144 -4.99 23.48 12.23
C SER A 144 -3.96 23.57 13.34
N GLY A 145 -4.16 24.56 14.21
CA GLY A 145 -3.24 24.87 15.31
C GLY A 145 -1.81 25.14 14.82
N PRO A 146 -0.82 25.03 15.73
CA PRO A 146 0.58 25.22 15.37
C PRO A 146 1.06 24.37 14.20
N LEU A 147 0.49 23.18 14.00
CA LEU A 147 0.91 22.35 12.83
C LEU A 147 0.72 23.17 11.55
N ALA A 148 -0.39 23.90 11.42
CA ALA A 148 -0.67 24.67 10.19
C ALA A 148 0.51 25.58 9.86
N SER A 149 1.07 26.30 10.82
CA SER A 149 2.24 27.18 10.58
C SER A 149 3.46 26.35 10.26
N GLN A 150 3.63 25.22 10.94
CA GLN A 150 4.85 24.37 10.77
C GLN A 150 4.90 23.80 9.36
N ILE A 151 3.75 23.42 8.80
CA ILE A 151 3.72 22.66 7.52
C ILE A 151 3.40 23.56 6.35
N SER A 152 3.02 24.80 6.59
CA SER A 152 2.53 25.71 5.51
C SER A 152 3.52 25.74 4.34
N GLY A 153 3.02 25.41 3.14
CA GLY A 153 3.80 25.47 1.88
C GLY A 153 4.71 24.29 1.66
N LEU A 154 4.81 23.36 2.62
CA LEU A 154 5.72 22.19 2.47
C LEU A 154 5.03 21.12 1.63
N TYR A 155 3.72 21.14 1.55
CA TYR A 155 2.95 20.47 0.47
C TYR A 155 1.95 21.51 -0.04
N LEU A 156 1.49 21.31 -1.27
CA LEU A 156 0.73 22.34 -1.99
C LEU A 156 -0.53 21.70 -2.56
N PRO A 157 -1.59 22.48 -2.78
CA PRO A 157 -2.76 21.92 -3.44
C PRO A 157 -2.45 21.53 -4.88
N TYR A 158 -1.66 22.37 -5.53
CA TYR A 158 -1.27 22.16 -6.94
C TYR A 158 0.05 22.87 -7.20
N LYS A 159 0.67 22.56 -8.34
CA LYS A 159 1.82 23.32 -8.86
C LYS A 159 1.61 23.47 -10.34
N VAL A 160 1.90 24.65 -10.85
CA VAL A 160 1.93 24.89 -12.31
C VAL A 160 3.38 24.70 -12.76
N LEU A 161 3.59 23.75 -13.69
CA LEU A 161 4.95 23.40 -14.13
C LEU A 161 5.18 23.87 -15.57
N PRO A 162 6.32 24.49 -15.88
CA PRO A 162 6.71 24.75 -17.25
C PRO A 162 7.06 23.42 -17.89
N VAL A 163 6.55 23.23 -19.11
CA VAL A 163 6.85 22.06 -19.95
C VAL A 163 7.11 22.58 -21.37
N GLY A 164 8.36 22.55 -21.83
CA GLY A 164 8.71 23.24 -23.09
C GLY A 164 8.28 24.70 -23.00
N ASP A 165 7.49 25.19 -23.97
CA ASP A 165 6.99 26.60 -24.00
C ASP A 165 5.60 26.69 -23.37
N GLU A 166 5.09 25.61 -22.80
CA GLU A 166 3.73 25.60 -22.23
C GLU A 166 3.78 25.45 -20.72
N VAL A 167 2.62 25.45 -20.09
CA VAL A 167 2.53 25.15 -18.66
C VAL A 167 1.44 24.09 -18.49
N VAL A 168 1.60 23.29 -17.45
CA VAL A 168 0.65 22.22 -17.04
C VAL A 168 0.41 22.37 -15.55
N GLY A 169 -0.85 22.46 -15.16
CA GLY A 169 -1.19 22.42 -13.74
C GLY A 169 -1.38 21.00 -13.28
N ILE A 170 -0.80 20.71 -12.12
CA ILE A 170 -0.97 19.40 -11.49
CA ILE A 170 -0.92 19.39 -11.47
C ILE A 170 -1.58 19.59 -10.13
N VAL A 171 -2.77 19.03 -9.94
N VAL A 171 -2.75 19.01 -9.95
CA VAL A 171 -3.56 19.19 -8.68
CA VAL A 171 -3.50 19.16 -8.67
C VAL A 171 -3.59 17.84 -7.95
C VAL A 171 -3.51 17.81 -7.96
N GLY A 172 -3.19 17.84 -6.67
CA GLY A 172 -3.06 16.61 -5.87
C GLY A 172 -4.29 16.27 -5.06
N TYR A 173 -4.39 15.01 -4.69
CA TYR A 173 -5.41 14.58 -3.72
C TYR A 173 -4.93 13.32 -3.00
N THR A 174 -5.50 13.08 -1.84
CA THR A 174 -5.14 11.97 -0.95
C THR A 174 -6.41 11.35 -0.36
N SER A 175 -6.43 10.03 -0.22
CA SER A 175 -7.56 9.26 0.30
C SER A 175 -8.16 9.95 1.55
N LYS A 176 -9.45 10.23 1.49
CA LYS A 176 -10.22 10.70 2.67
C LYS A 176 -10.13 9.69 3.79
N GLU A 177 -9.83 8.41 3.49
CA GLU A 177 -9.83 7.30 4.48
C GLU A 177 -8.45 7.22 5.17
N THR A 178 -7.51 8.10 4.84
CA THR A 178 -6.14 8.02 5.40
C THR A 178 -6.16 7.85 6.92
N PRO A 179 -7.02 8.53 7.71
CA PRO A 179 -7.01 8.34 9.16
C PRO A 179 -7.20 6.89 9.63
N PHE A 180 -7.87 6.04 8.84
CA PHE A 180 -8.07 4.61 9.16
C PHE A 180 -6.94 3.76 8.63
N LEU A 181 -6.08 4.34 7.77
CA LEU A 181 -5.14 3.55 6.96
C LEU A 181 -3.70 3.95 7.18
N SER A 182 -3.45 4.80 8.17
CA SER A 182 -2.13 5.35 8.48
C SER A 182 -2.23 6.14 9.78
N ASN A 183 -1.18 6.91 10.05
CA ASN A 183 -1.06 7.59 11.38
C ASN A 183 -0.91 9.10 11.22
N PRO A 184 -1.86 9.80 10.53
CA PRO A 184 -1.70 11.24 10.31
C PRO A 184 -1.87 12.15 11.52
N GLY A 185 -2.44 11.60 12.58
CA GLY A 185 -2.63 12.39 13.80
C GLY A 185 -3.95 13.15 13.78
N THR A 186 -4.20 13.95 14.80
CA THR A 186 -5.57 14.51 15.00
C THR A 186 -5.64 15.97 14.55
N ASN A 187 -4.60 16.52 14.02
N ASN A 187 -4.54 16.51 13.99
CA ASN A 187 -4.75 17.91 13.57
CA ASN A 187 -4.33 17.94 13.56
C ASN A 187 -5.32 17.85 12.13
C ASN A 187 -4.39 18.11 12.02
N LEU A 188 -4.69 17.02 11.31
CA LEU A 188 -4.94 17.07 9.87
C LEU A 188 -6.36 16.60 9.62
N VAL A 189 -7.00 17.27 8.66
CA VAL A 189 -8.35 16.90 8.20
C VAL A 189 -8.27 16.53 6.73
N PHE A 190 -8.79 15.36 6.40
CA PHE A 190 -8.86 14.89 4.99
C PHE A 190 -10.27 15.14 4.47
N GLU A 191 -10.39 16.10 3.58
CA GLU A 191 -11.67 16.57 2.99
C GLU A 191 -12.08 15.63 1.85
N ASP A 192 -13.37 15.61 1.57
CA ASP A 192 -13.86 14.97 0.33
C ASP A 192 -13.03 15.49 -0.87
N GLU A 193 -12.52 14.55 -1.68
CA GLU A 193 -11.62 14.85 -2.83
C GLU A 193 -12.29 15.81 -3.81
N ILE A 194 -13.48 15.46 -4.29
CA ILE A 194 -14.13 16.24 -5.38
C ILE A 194 -14.44 17.66 -4.84
N THR A 195 -14.92 17.74 -3.61
CA THR A 195 -15.26 19.04 -2.95
C THR A 195 -14.04 19.94 -2.94
N ALA A 196 -12.89 19.40 -2.56
CA ALA A 196 -11.62 20.17 -2.43
C ALA A 196 -11.05 20.51 -3.82
N LEU A 197 -11.15 19.58 -4.77
CA LEU A 197 -10.46 19.71 -6.08
C LEU A 197 -11.16 20.77 -6.92
N GLN A 198 -12.50 20.80 -6.94
CA GLN A 198 -13.18 21.64 -7.92
C GLN A 198 -12.72 23.10 -7.83
N PRO A 199 -12.68 23.75 -6.64
CA PRO A 199 -12.33 25.15 -6.63
C PRO A 199 -10.86 25.42 -7.02
N GLU A 200 -9.96 24.45 -6.79
CA GLU A 200 -8.56 24.62 -7.22
C GLU A 200 -8.52 24.59 -8.74
N VAL A 201 -9.28 23.68 -9.36
CA VAL A 201 -9.24 23.51 -10.83
C VAL A 201 -9.86 24.76 -11.46
N ASP A 202 -10.95 25.22 -10.86
N ASP A 202 -10.95 25.28 -10.91
CA ASP A 202 -11.59 26.52 -11.21
CA ASP A 202 -11.51 26.55 -11.45
C ASP A 202 -10.56 27.64 -11.16
C ASP A 202 -10.55 27.72 -11.18
N LYS A 203 -9.83 27.75 -10.06
CA LYS A 203 -8.83 28.83 -9.87
C LYS A 203 -7.80 28.74 -11.01
N LEU A 204 -7.30 27.55 -11.32
CA LEU A 204 -6.25 27.41 -12.37
C LEU A 204 -6.82 27.91 -13.70
N LYS A 205 -8.10 27.65 -14.01
CA LYS A 205 -8.71 28.21 -15.22
C LYS A 205 -8.60 29.73 -15.22
N THR A 206 -8.88 30.39 -14.09
CA THR A 206 -8.84 31.87 -13.99
C THR A 206 -7.42 32.36 -14.18
N LEU A 207 -6.42 31.49 -13.97
CA LEU A 207 -5.00 31.87 -14.11
C LEU A 207 -4.46 31.44 -15.49
N ASN A 208 -5.35 31.12 -16.44
CA ASN A 208 -4.96 30.81 -17.83
C ASN A 208 -4.13 29.53 -17.88
N VAL A 209 -4.46 28.56 -17.03
CA VAL A 209 -3.84 27.21 -17.08
C VAL A 209 -4.94 26.27 -17.59
N ASN A 210 -4.81 25.83 -18.83
CA ASN A 210 -5.87 25.10 -19.58
C ASN A 210 -5.52 23.63 -19.73
N LYS A 211 -4.37 23.23 -19.23
CA LYS A 211 -3.95 21.80 -19.22
C LYS A 211 -3.74 21.37 -17.76
N ILE A 212 -4.60 20.48 -17.30
CA ILE A 212 -4.71 20.14 -15.86
C ILE A 212 -4.70 18.62 -15.71
N ILE A 213 -3.77 18.15 -14.89
CA ILE A 213 -3.65 16.74 -14.50
C ILE A 213 -4.05 16.64 -13.04
N ALA A 214 -4.98 15.76 -12.72
CA ALA A 214 -5.27 15.41 -11.32
C ALA A 214 -4.40 14.21 -10.98
N LEU A 215 -3.55 14.39 -9.99
CA LEU A 215 -2.56 13.35 -9.56
C LEU A 215 -2.89 13.02 -8.10
N GLY A 216 -3.31 11.80 -7.80
CA GLY A 216 -3.68 11.55 -6.41
C GLY A 216 -3.87 10.12 -6.04
N HIS A 217 -4.26 9.94 -4.79
CA HIS A 217 -4.06 8.66 -4.10
C HIS A 217 -5.33 8.26 -3.35
N SER A 218 -6.38 7.90 -4.07
CA SER A 218 -7.68 7.54 -3.47
C SER A 218 -8.23 6.23 -3.99
N GLY A 219 -7.64 5.67 -5.04
CA GLY A 219 -8.13 4.42 -5.62
C GLY A 219 -8.84 4.64 -6.93
N PHE A 220 -8.84 3.62 -7.77
CA PHE A 220 -9.42 3.67 -9.13
C PHE A 220 -10.89 4.14 -9.12
N GLU A 221 -11.70 3.67 -8.18
CA GLU A 221 -13.12 4.06 -8.14
C GLU A 221 -13.25 5.57 -7.93
N MET A 222 -12.54 6.10 -6.97
CA MET A 222 -12.57 7.58 -6.77
C MET A 222 -11.95 8.28 -7.97
N ASP A 223 -10.89 7.74 -8.58
CA ASP A 223 -10.29 8.40 -9.75
C ASP A 223 -11.33 8.54 -10.85
N LYS A 224 -12.20 7.56 -11.04
CA LYS A 224 -13.22 7.62 -12.12
C LYS A 224 -14.25 8.70 -11.75
N LEU A 225 -14.62 8.80 -10.46
CA LEU A 225 -15.57 9.86 -10.04
C LEU A 225 -14.93 11.24 -10.27
N ILE A 226 -13.66 11.40 -9.96
CA ILE A 226 -12.95 12.68 -10.18
C ILE A 226 -12.98 13.02 -11.68
N ALA A 227 -12.67 12.09 -12.53
CA ALA A 227 -12.66 12.32 -13.99
C ALA A 227 -14.06 12.72 -14.46
N GLN A 228 -15.09 12.10 -13.89
CA GLN A 228 -16.49 12.34 -14.26
C GLN A 228 -16.91 13.74 -13.81
N LYS A 229 -16.61 14.11 -12.55
CA LYS A 229 -17.32 15.21 -11.87
C LYS A 229 -16.49 16.47 -11.76
N VAL A 230 -15.15 16.40 -11.74
CA VAL A 230 -14.33 17.62 -11.59
C VAL A 230 -14.12 18.27 -12.94
N ARG A 231 -14.90 19.33 -13.18
N ARG A 231 -14.87 19.34 -13.17
CA ARG A 231 -14.90 20.06 -14.46
CA ARG A 231 -14.84 20.00 -14.48
C ARG A 231 -13.50 20.65 -14.67
C ARG A 231 -13.48 20.65 -14.67
N GLY A 232 -12.89 20.41 -15.84
CA GLY A 232 -11.59 21.01 -16.22
C GLY A 232 -10.40 20.07 -16.04
N VAL A 233 -10.61 18.93 -15.38
CA VAL A 233 -9.53 17.93 -15.29
C VAL A 233 -9.40 17.26 -16.65
N ASP A 234 -8.18 17.26 -17.19
CA ASP A 234 -7.94 16.67 -18.52
C ASP A 234 -7.56 15.18 -18.43
N VAL A 235 -6.86 14.80 -17.36
CA VAL A 235 -6.22 13.47 -17.16
CA VAL A 235 -6.37 13.41 -17.16
C VAL A 235 -6.26 13.18 -15.65
N VAL A 236 -6.55 11.95 -15.27
CA VAL A 236 -6.40 11.52 -13.87
C VAL A 236 -5.30 10.46 -13.79
N VAL A 237 -4.31 10.71 -12.96
CA VAL A 237 -3.21 9.79 -12.66
C VAL A 237 -3.35 9.34 -11.20
N GLY A 238 -3.71 8.07 -11.02
CA GLY A 238 -4.12 7.55 -9.72
C GLY A 238 -3.22 6.49 -9.13
N GLY A 239 -3.71 5.94 -8.04
CA GLY A 239 -2.99 4.98 -7.23
C GLY A 239 -3.86 4.37 -6.16
N HIS A 240 -3.20 3.84 -5.15
CA HIS A 240 -3.79 3.32 -3.91
C HIS A 240 -4.34 1.89 -4.10
N SER A 241 -5.16 1.64 -5.12
CA SER A 241 -5.80 0.33 -5.40
C SER A 241 -4.91 -0.63 -6.18
N ASN A 242 -3.68 -0.26 -6.47
CA ASN A 242 -2.70 -1.13 -7.18
C ASN A 242 -3.34 -1.61 -8.48
N THR A 243 -4.01 -0.72 -9.17
CA THR A 243 -4.82 -1.09 -10.35
C THR A 243 -3.94 -1.23 -11.59
N PHE A 244 -4.04 -2.41 -12.23
CA PHE A 244 -3.37 -2.66 -13.50
C PHE A 244 -4.36 -2.47 -14.65
N LEU A 245 -4.01 -1.54 -15.53
CA LEU A 245 -4.76 -1.26 -16.75
C LEU A 245 -3.86 -1.53 -17.95
N TYR A 246 -4.46 -2.07 -19.02
CA TYR A 246 -3.67 -2.44 -20.22
C TYR A 246 -4.57 -2.50 -21.43
N THR A 247 -4.03 -1.99 -22.54
CA THR A 247 -4.61 -2.14 -23.88
C THR A 247 -3.81 -3.20 -24.64
N GLY A 248 -4.42 -4.38 -24.80
CA GLY A 248 -3.81 -5.47 -25.54
C GLY A 248 -3.54 -6.65 -24.68
N ASN A 249 -2.66 -7.49 -25.19
N ASN A 249 -2.70 -7.57 -25.20
CA ASN A 249 -2.30 -8.74 -24.51
CA ASN A 249 -2.21 -8.71 -24.39
C ASN A 249 -1.32 -8.34 -23.38
C ASN A 249 -1.33 -8.19 -23.30
N PRO A 250 -1.62 -8.60 -22.07
CA PRO A 250 -0.78 -8.20 -20.96
C PRO A 250 0.61 -8.83 -21.04
N PRO A 251 1.63 -8.11 -20.57
CA PRO A 251 3.01 -8.53 -20.73
C PRO A 251 3.52 -9.49 -19.65
N SER A 252 2.80 -9.62 -18.55
CA SER A 252 3.23 -10.41 -17.39
C SER A 252 1.99 -11.07 -16.76
N LYS A 253 2.04 -11.39 -15.44
CA LYS A 253 1.00 -12.18 -14.75
C LYS A 253 -0.16 -11.27 -14.29
N GLU A 254 -0.01 -9.94 -14.25
CA GLU A 254 -1.11 -9.09 -13.78
C GLU A 254 -2.23 -9.06 -14.81
N VAL A 255 -3.46 -9.25 -14.33
CA VAL A 255 -4.67 -9.27 -15.18
C VAL A 255 -5.26 -7.88 -15.12
N PRO A 256 -5.43 -7.24 -16.29
CA PRO A 256 -5.98 -5.90 -16.35
C PRO A 256 -7.43 -5.78 -15.84
N ALA A 257 -7.69 -4.70 -15.11
CA ALA A 257 -9.03 -4.32 -14.62
C ALA A 257 -9.80 -3.57 -15.70
N GLY A 258 -9.13 -3.11 -16.75
CA GLY A 258 -9.73 -2.39 -17.89
C GLY A 258 -8.64 -1.92 -18.84
N LYS A 259 -9.02 -1.16 -19.83
CA LYS A 259 -8.11 -0.61 -20.84
C LYS A 259 -7.23 0.49 -20.23
N TYR A 260 -6.08 0.72 -20.86
CA TYR A 260 -5.15 1.84 -20.55
C TYR A 260 -5.10 2.77 -21.74
N PRO A 261 -5.48 4.04 -21.62
CA PRO A 261 -6.15 4.60 -20.45
C PRO A 261 -7.57 4.09 -20.32
N PHE A 262 -8.14 4.24 -19.12
CA PHE A 262 -9.59 3.98 -18.89
C PHE A 262 -10.34 5.27 -19.18
N ILE A 263 -11.21 5.27 -20.19
CA ILE A 263 -11.93 6.52 -20.59
C ILE A 263 -13.24 6.71 -19.81
N VAL A 264 -13.31 7.82 -19.10
CA VAL A 264 -14.54 8.30 -18.43
C VAL A 264 -15.12 9.45 -19.24
N THR A 265 -16.41 9.34 -19.47
CA THR A 265 -17.19 10.45 -20.07
C THR A 265 -17.54 11.38 -18.92
N SER A 266 -17.04 12.60 -18.99
CA SER A 266 -17.27 13.61 -17.95
C SER A 266 -18.69 14.19 -18.07
N ASP A 267 -19.13 14.75 -16.96
CA ASP A 267 -20.40 15.48 -16.92
C ASP A 267 -20.43 16.60 -17.97
N ASP A 268 -19.31 17.23 -18.33
CA ASP A 268 -19.36 18.24 -19.41
C ASP A 268 -19.17 17.63 -20.81
N GLY A 269 -19.22 16.31 -20.97
CA GLY A 269 -19.23 15.65 -22.28
C GLY A 269 -17.85 15.28 -22.79
N ARG A 270 -16.75 15.62 -22.09
CA ARG A 270 -15.35 15.33 -22.52
C ARG A 270 -15.03 13.85 -22.24
N LYS A 271 -14.06 13.37 -22.97
CA LYS A 271 -13.45 12.06 -22.69
C LYS A 271 -12.21 12.32 -21.84
N VAL A 272 -12.18 11.76 -20.63
CA VAL A 272 -11.09 11.99 -19.69
C VAL A 272 -10.40 10.66 -19.43
N PRO A 273 -9.13 10.55 -19.82
CA PRO A 273 -8.36 9.36 -19.48
C PRO A 273 -7.96 9.27 -18.01
N VAL A 274 -8.11 8.05 -17.53
CA VAL A 274 -7.76 7.65 -16.16
C VAL A 274 -6.69 6.57 -16.27
N VAL A 275 -5.59 6.76 -15.58
CA VAL A 275 -4.47 5.81 -15.60
C VAL A 275 -4.02 5.47 -14.18
N GLN A 276 -3.39 4.32 -14.09
CA GLN A 276 -2.73 3.77 -12.88
C GLN A 276 -1.71 2.77 -13.42
N ALA A 277 -0.74 2.39 -12.61
CA ALA A 277 0.37 1.54 -13.08
C ALA A 277 0.71 0.47 -12.03
N TYR A 278 -0.30 -0.29 -11.61
CA TYR A 278 -0.12 -1.44 -10.69
C TYR A 278 0.57 -0.93 -9.42
N ALA A 279 1.70 -1.52 -9.03
CA ALA A 279 2.41 -1.19 -7.78
C ALA A 279 3.82 -1.73 -7.83
N PHE A 280 4.61 -1.42 -6.82
CA PHE A 280 5.92 -2.10 -6.54
C PHE A 280 6.98 -1.79 -7.60
N GLY A 281 6.82 -0.74 -8.37
CA GLY A 281 7.81 -0.33 -9.38
C GLY A 281 7.99 -1.34 -10.49
N LYS A 282 7.07 -2.26 -10.67
CA LYS A 282 7.18 -3.30 -11.71
C LYS A 282 6.98 -2.70 -13.09
N TYR A 283 6.13 -1.70 -13.19
CA TYR A 283 5.77 -1.05 -14.46
C TYR A 283 6.03 0.45 -14.39
N LEU A 284 6.38 1.05 -15.52
CA LEU A 284 6.35 2.50 -15.71
C LEU A 284 5.11 2.85 -16.53
N GLY A 285 4.19 3.62 -15.97
CA GLY A 285 3.06 4.14 -16.72
C GLY A 285 3.56 5.10 -17.78
N TYR A 286 2.93 5.08 -18.95
CA TYR A 286 3.35 5.87 -20.14
C TYR A 286 2.08 6.23 -20.91
N LEU A 287 1.70 7.51 -20.80
CA LEU A 287 0.52 8.03 -21.53
C LEU A 287 0.90 9.23 -22.37
N LYS A 288 0.59 9.14 -23.65
CA LYS A 288 0.77 10.26 -24.59
C LYS A 288 -0.57 10.97 -24.80
N ILE A 289 -0.56 12.25 -24.56
CA ILE A 289 -1.75 13.14 -24.69
CA ILE A 289 -1.78 13.07 -24.76
C ILE A 289 -1.48 14.15 -25.78
N GLU A 290 -2.38 14.28 -26.74
CA GLU A 290 -2.39 15.45 -27.64
C GLU A 290 -3.42 16.48 -27.19
N PHE A 291 -2.96 17.71 -27.06
CA PHE A 291 -3.81 18.86 -26.68
C PHE A 291 -3.90 19.84 -27.85
N ASP A 292 -5.08 20.43 -27.98
CA ASP A 292 -5.27 21.59 -28.88
C ASP A 292 -4.81 22.83 -28.14
N GLU A 293 -4.90 23.98 -28.81
CA GLU A 293 -4.36 25.28 -28.30
C GLU A 293 -5.19 25.78 -27.10
N ARG A 294 -6.43 25.31 -26.92
CA ARG A 294 -7.30 25.64 -25.78
C ARG A 294 -7.15 24.63 -24.64
N GLY A 295 -6.23 23.69 -24.73
CA GLY A 295 -6.02 22.66 -23.67
C GLY A 295 -7.07 21.57 -23.68
N ASN A 296 -7.78 21.35 -24.79
CA ASN A 296 -8.67 20.16 -24.85
C ASN A 296 -7.86 18.94 -25.27
N VAL A 297 -8.12 17.80 -24.67
CA VAL A 297 -7.48 16.52 -25.09
C VAL A 297 -8.10 16.08 -26.42
N ILE A 298 -7.30 16.01 -27.48
CA ILE A 298 -7.66 15.51 -28.84
C ILE A 298 -7.55 13.98 -28.86
N SER A 299 -6.52 13.44 -28.19
CA SER A 299 -6.25 12.00 -28.21
C SER A 299 -5.44 11.63 -26.98
N SER A 300 -5.55 10.38 -26.58
CA SER A 300 -4.69 9.81 -25.53
C SER A 300 -4.46 8.34 -25.81
N HIS A 301 -3.22 7.89 -25.66
CA HIS A 301 -2.91 6.45 -25.87
C HIS A 301 -1.66 6.13 -25.07
N GLY A 302 -1.49 4.83 -24.83
CA GLY A 302 -0.25 4.37 -24.24
C GLY A 302 -0.42 3.03 -23.61
N ASN A 303 0.45 2.75 -22.66
CA ASN A 303 0.43 1.46 -21.94
C ASN A 303 1.55 1.54 -20.93
N PRO A 304 1.36 0.85 -19.78
CA PRO A 304 2.49 0.71 -18.88
C PRO A 304 3.55 -0.17 -19.57
N ILE A 305 4.78 0.14 -19.20
CA ILE A 305 5.99 -0.59 -19.68
C ILE A 305 6.47 -1.52 -18.56
N LEU A 306 6.47 -2.82 -18.82
CA LEU A 306 7.03 -3.81 -17.87
C LEU A 306 8.53 -3.55 -17.77
N LEU A 307 9.01 -3.33 -16.56
CA LEU A 307 10.44 -3.05 -16.33
C LEU A 307 11.17 -4.38 -16.10
N ASP A 308 11.31 -5.17 -17.16
CA ASP A 308 11.88 -6.53 -17.03
C ASP A 308 13.39 -6.46 -17.27
N SER A 309 14.05 -7.62 -17.22
CA SER A 309 15.53 -7.69 -17.24
CA SER A 309 15.52 -7.70 -17.26
C SER A 309 16.10 -7.31 -18.62
N SER A 310 15.28 -7.15 -19.65
CA SER A 310 15.76 -6.68 -20.97
C SER A 310 16.20 -5.23 -20.88
N ILE A 311 15.80 -4.53 -19.81
CA ILE A 311 16.20 -3.11 -19.60
C ILE A 311 17.32 -3.14 -18.56
N PRO A 312 18.50 -2.62 -18.88
CA PRO A 312 19.59 -2.69 -17.91
C PRO A 312 19.35 -1.72 -16.74
N GLU A 313 19.83 -2.14 -15.57
CA GLU A 313 19.92 -1.26 -14.40
C GLU A 313 21.00 -0.24 -14.68
N ASP A 314 20.67 1.02 -14.46
CA ASP A 314 21.65 2.11 -14.61
C ASP A 314 22.82 1.86 -13.68
N PRO A 315 24.08 1.79 -14.19
CA PRO A 315 25.15 1.41 -13.29
C PRO A 315 25.37 2.39 -12.13
N SER A 316 25.20 3.69 -12.33
CA SER A 316 25.46 4.69 -11.27
CA SER A 316 25.51 4.64 -11.23
C SER A 316 24.39 4.55 -10.19
N ILE A 317 23.14 4.44 -10.58
CA ILE A 317 22.08 4.30 -9.58
C ILE A 317 22.30 2.97 -8.84
N LYS A 318 22.63 1.88 -9.56
CA LYS A 318 22.82 0.57 -8.94
C LYS A 318 23.97 0.65 -7.92
N ALA A 319 25.07 1.31 -8.25
CA ALA A 319 26.20 1.45 -7.30
C ALA A 319 25.75 2.23 -6.07
N ASP A 320 24.94 3.27 -6.24
CA ASP A 320 24.45 4.02 -5.05
CA ASP A 320 24.41 4.04 -5.09
C ASP A 320 23.51 3.14 -4.23
N ILE A 321 22.64 2.37 -4.86
CA ILE A 321 21.75 1.39 -4.17
C ILE A 321 22.64 0.45 -3.33
N ASN A 322 23.70 -0.05 -3.92
CA ASN A 322 24.51 -1.07 -3.23
C ASN A 322 25.24 -0.42 -2.07
N LYS A 323 25.61 0.86 -2.17
CA LYS A 323 26.24 1.56 -1.03
C LYS A 323 25.18 1.72 0.08
N TRP A 324 23.96 2.12 -0.26
CA TRP A 324 22.91 2.33 0.77
C TRP A 324 22.52 1.00 1.44
N ARG A 325 22.70 -0.12 0.74
CA ARG A 325 22.36 -1.46 1.25
C ARG A 325 23.22 -1.86 2.46
N ILE A 326 24.41 -1.31 2.59
CA ILE A 326 25.31 -1.70 3.71
C ILE A 326 24.59 -1.53 5.04
N LYS A 327 23.96 -0.38 5.28
CA LYS A 327 23.29 -0.12 6.57
C LYS A 327 22.09 -1.07 6.76
N LEU A 328 21.45 -1.51 5.67
CA LEU A 328 20.34 -2.50 5.73
C LEU A 328 20.90 -3.83 6.22
N ASP A 329 22.00 -4.27 5.62
CA ASP A 329 22.61 -5.54 6.02
C ASP A 329 22.99 -5.46 7.51
N ASP A 330 23.58 -4.34 7.94
CA ASP A 330 24.01 -4.13 9.37
C ASP A 330 22.77 -4.22 10.26
N TYR A 331 21.69 -3.54 9.88
CA TYR A 331 20.48 -3.50 10.73
C TYR A 331 19.85 -4.90 10.84
N SER A 332 19.92 -5.69 9.78
CA SER A 332 19.18 -6.97 9.69
CA SER A 332 19.24 -7.01 9.64
C SER A 332 19.62 -7.95 10.78
N THR A 333 20.81 -7.78 11.37
CA THR A 333 21.29 -8.72 12.41
C THR A 333 21.31 -8.09 13.78
N GLN A 334 20.77 -6.86 13.91
CA GLN A 334 20.67 -6.20 15.24
C GLN A 334 19.51 -6.77 16.05
N GLU A 335 19.69 -6.81 17.36
CA GLU A 335 18.60 -7.20 18.27
C GLU A 335 17.47 -6.16 18.18
N LEU A 336 16.24 -6.63 17.91
CA LEU A 336 15.02 -5.78 17.92
C LEU A 336 14.41 -5.81 19.31
N GLY A 337 14.55 -6.93 19.98
CA GLY A 337 13.95 -7.18 21.28
C GLY A 337 14.27 -8.61 21.71
N LYS A 338 13.63 -9.06 22.78
CA LYS A 338 13.85 -10.42 23.30
C LYS A 338 12.54 -11.17 23.43
N THR A 339 12.66 -12.47 23.32
CA THR A 339 11.63 -13.45 23.75
C THR A 339 12.20 -14.30 24.89
N ILE A 340 11.35 -14.55 25.87
CA ILE A 340 11.68 -15.51 26.95
C ILE A 340 10.98 -16.83 26.68
N VAL A 341 10.22 -16.95 25.59
CA VAL A 341 9.50 -18.19 25.22
C VAL A 341 10.00 -18.64 23.84
N TYR A 342 9.99 -19.94 23.64
CA TYR A 342 10.11 -20.44 22.25
C TYR A 342 8.98 -19.85 21.42
N LEU A 343 9.29 -19.34 20.23
CA LEU A 343 8.25 -18.85 19.32
C LEU A 343 7.97 -19.98 18.33
N ASP A 344 6.90 -20.69 18.58
CA ASP A 344 6.54 -21.92 17.84
C ASP A 344 5.81 -21.52 16.56
N GLY A 345 6.62 -21.42 15.51
CA GLY A 345 6.19 -21.23 14.12
C GLY A 345 6.33 -22.51 13.31
N SER A 346 6.33 -23.67 13.97
CA SER A 346 6.44 -24.96 13.28
C SER A 346 5.11 -25.25 12.55
N SER A 347 5.17 -25.94 11.42
CA SER A 347 3.94 -26.33 10.69
C SER A 347 3.13 -27.32 11.55
N GLN A 348 3.83 -28.20 12.27
CA GLN A 348 3.17 -29.24 13.08
C GLN A 348 2.29 -28.59 14.16
N SER A 349 2.65 -27.41 14.61
CA SER A 349 1.74 -26.62 15.50
C SER A 349 0.80 -25.74 14.65
N CYS A 350 1.36 -24.85 13.86
CA CYS A 350 0.56 -23.74 13.30
C CYS A 350 -0.43 -24.19 12.22
N ARG A 351 -0.27 -25.39 11.64
CA ARG A 351 -1.26 -25.91 10.68
C ARG A 351 -2.24 -26.88 11.34
N PHE A 352 -2.17 -27.03 12.67
CA PHE A 352 -3.04 -28.00 13.36
C PHE A 352 -3.79 -27.42 14.57
N ARG A 353 -3.28 -26.38 15.19
CA ARG A 353 -3.87 -25.84 16.43
C ARG A 353 -3.34 -24.43 16.62
N GLU A 354 -3.86 -23.77 17.62
CA GLU A 354 -3.32 -22.45 18.04
C GLU A 354 -1.82 -22.62 18.29
N CYS A 355 -1.02 -21.74 17.75
CA CYS A 355 0.43 -21.71 17.95
C CYS A 355 0.81 -20.32 18.43
N ASN A 356 1.76 -20.22 19.33
CA ASN A 356 2.07 -18.91 19.97
C ASN A 356 2.70 -17.96 18.94
N MET A 357 3.36 -18.45 17.89
CA MET A 357 3.85 -17.52 16.86
C MET A 357 2.66 -16.84 16.14
N GLY A 358 1.64 -17.62 15.89
CA GLY A 358 0.44 -17.07 15.28
C GLY A 358 -0.20 -16.01 16.13
N ASN A 359 -0.29 -16.28 17.41
CA ASN A 359 -0.87 -15.29 18.35
C ASN A 359 -0.01 -14.02 18.33
N LEU A 360 1.29 -14.13 18.36
CA LEU A 360 2.20 -12.98 18.36
C LEU A 360 1.94 -12.13 17.10
N ILE A 361 1.93 -12.80 15.93
CA ILE A 361 1.80 -12.02 14.69
C ILE A 361 0.45 -11.34 14.62
N CYS A 362 -0.60 -12.04 15.00
CA CYS A 362 -1.95 -11.42 15.04
C CYS A 362 -2.00 -10.26 16.07
N ASP A 363 -1.34 -10.40 17.18
CA ASP A 363 -1.34 -9.32 18.19
C ASP A 363 -0.57 -8.13 17.62
N ALA A 364 0.50 -8.39 16.88
CA ALA A 364 1.25 -7.31 16.22
C ALA A 364 0.39 -6.64 15.14
N MET A 365 -0.36 -7.45 14.40
CA MET A 365 -1.26 -6.88 13.35
C MET A 365 -2.27 -5.92 13.98
N ILE A 366 -2.91 -6.34 15.06
CA ILE A 366 -3.92 -5.46 15.71
CA ILE A 366 -3.93 -5.48 15.74
C ILE A 366 -3.21 -4.23 16.26
N ASN A 367 -2.08 -4.37 16.89
CA ASN A 367 -1.35 -3.20 17.41
C ASN A 367 -1.01 -2.21 16.31
N ASN A 368 -0.62 -2.67 15.16
CA ASN A 368 -0.27 -1.82 13.98
C ASN A 368 -1.49 -1.01 13.52
N ASN A 369 -2.70 -1.51 13.77
CA ASN A 369 -3.95 -0.91 13.24
C ASN A 369 -4.70 -0.18 14.36
N LEU A 370 -4.00 0.20 15.41
CA LEU A 370 -4.53 1.17 16.38
C LEU A 370 -4.48 2.56 15.76
N ARG A 371 -5.63 3.14 15.57
CA ARG A 371 -5.73 4.45 14.89
C ARG A 371 -6.57 5.33 15.79
N HIS A 372 -6.61 6.62 15.53
N HIS A 372 -6.61 6.61 15.47
CA HIS A 372 -7.37 7.57 16.39
CA HIS A 372 -7.48 7.58 16.18
C HIS A 372 -8.89 7.28 16.31
C HIS A 372 -8.90 6.98 16.30
N ALA A 373 -9.45 7.07 17.49
CA ALA A 373 -10.80 6.53 17.81
C ALA A 373 -11.67 7.71 18.24
N ASP A 374 -12.89 7.74 17.65
CA ASP A 374 -14.17 8.36 18.04
C ASP A 374 -14.48 7.99 19.51
N GLU A 375 -15.55 8.55 20.03
CA GLU A 375 -16.20 8.02 21.25
C GLU A 375 -17.03 6.79 20.86
N MET A 376 -17.09 6.41 19.57
CA MET A 376 -17.95 5.30 19.07
C MET A 376 -17.21 3.96 19.06
N PHE A 377 -15.90 3.91 19.27
CA PHE A 377 -15.17 2.63 19.29
C PHE A 377 -13.89 2.81 20.08
N TRP A 378 -13.44 1.75 20.73
CA TRP A 378 -12.11 1.82 21.40
C TRP A 378 -11.01 1.75 20.31
N ASN A 379 -11.26 1.02 19.23
CA ASN A 379 -10.41 1.03 18.02
C ASN A 379 -11.30 0.56 16.88
N HIS A 380 -11.03 1.01 15.67
CA HIS A 380 -11.88 0.69 14.52
C HIS A 380 -11.83 -0.80 14.15
N VAL A 381 -10.77 -1.51 14.55
CA VAL A 381 -10.59 -2.93 14.16
C VAL A 381 -10.05 -3.68 15.37
N SER A 382 -10.56 -4.89 15.57
CA SER A 382 -10.19 -5.73 16.73
C SER A 382 -9.78 -7.15 16.34
N MET A 383 -9.89 -7.51 15.08
CA MET A 383 -9.86 -8.91 14.62
C MET A 383 -8.77 -9.16 13.58
N CYS A 384 -8.26 -10.38 13.62
CA CYS A 384 -7.10 -10.81 12.80
C CYS A 384 -7.27 -12.27 12.44
N ILE A 385 -6.96 -12.59 11.20
CA ILE A 385 -6.77 -14.00 10.79
C ILE A 385 -5.47 -14.09 9.97
N LEU A 386 -4.85 -15.26 10.06
CA LEU A 386 -3.50 -15.49 9.50
C LEU A 386 -3.44 -16.97 9.12
N ASN A 387 -3.22 -17.27 7.85
CA ASN A 387 -3.03 -18.67 7.42
C ASN A 387 -1.74 -19.25 8.03
N GLY A 388 -1.87 -20.40 8.66
CA GLY A 388 -0.71 -21.05 9.29
C GLY A 388 0.37 -21.44 8.26
N GLY A 389 -0.01 -21.69 7.01
CA GLY A 389 0.98 -21.92 5.96
C GLY A 389 1.83 -20.71 5.67
N GLY A 390 1.43 -19.50 6.10
CA GLY A 390 2.25 -18.28 5.95
C GLY A 390 3.25 -18.07 7.02
N ILE A 391 3.26 -18.95 7.99
CA ILE A 391 4.25 -18.92 9.09
C ILE A 391 5.32 -19.95 8.78
N ARG A 392 6.55 -19.51 8.51
CA ARG A 392 7.50 -20.39 7.81
C ARG A 392 8.66 -20.83 8.69
N SER A 393 8.73 -20.41 9.95
CA SER A 393 9.86 -20.78 10.82
C SER A 393 9.43 -20.52 12.24
N PRO A 394 9.95 -21.31 13.19
CA PRO A 394 10.01 -20.89 14.58
C PRO A 394 11.18 -19.94 14.79
N ILE A 395 11.19 -19.34 15.98
CA ILE A 395 12.36 -18.62 16.51
C ILE A 395 12.71 -19.21 17.88
N ASP A 396 13.94 -19.70 17.99
CA ASP A 396 14.46 -20.22 19.26
C ASP A 396 14.80 -19.06 20.18
N GLU A 397 14.45 -19.19 21.47
CA GLU A 397 14.73 -18.21 22.53
C GLU A 397 16.11 -18.38 23.13
N ARG A 398 16.85 -19.42 22.77
CA ARG A 398 18.13 -19.70 23.46
C ARG A 398 19.34 -18.97 22.81
N ASN A 399 19.16 -17.93 21.99
CA ASN A 399 20.25 -17.02 21.52
C ASN A 399 20.20 -15.79 22.42
N ASP A 400 20.24 -16.04 23.74
CA ASP A 400 20.06 -14.99 24.78
C ASP A 400 18.73 -14.24 24.56
N GLY A 401 17.73 -14.93 24.03
CA GLY A 401 16.41 -14.34 23.77
C GLY A 401 16.35 -13.40 22.57
N THR A 402 17.48 -13.14 21.90
CA THR A 402 17.53 -12.13 20.83
C THR A 402 16.58 -12.53 19.70
N ILE A 403 15.92 -11.51 19.12
CA ILE A 403 15.15 -11.61 17.85
C ILE A 403 15.70 -10.53 16.94
N THR A 404 16.09 -10.92 15.73
CA THR A 404 16.55 -10.02 14.68
C THR A 404 15.57 -9.96 13.52
N TRP A 405 15.76 -8.95 12.70
CA TRP A 405 14.98 -8.86 11.45
C TRP A 405 15.18 -10.12 10.61
N GLU A 406 16.43 -10.58 10.50
CA GLU A 406 16.76 -11.81 9.72
C GLU A 406 15.91 -12.99 10.22
N ASN A 407 15.77 -13.11 11.54
CA ASN A 407 14.91 -14.15 12.16
C ASN A 407 13.47 -13.95 11.68
N LEU A 408 12.96 -12.73 11.75
CA LEU A 408 11.54 -12.49 11.30
C LEU A 408 11.37 -12.78 9.81
N ALA A 409 12.39 -12.46 9.01
CA ALA A 409 12.32 -12.71 7.55
C ALA A 409 12.24 -14.22 7.27
N ALA A 410 12.75 -15.09 8.14
CA ALA A 410 12.57 -16.55 7.98
C ALA A 410 11.12 -16.93 8.31
N VAL A 411 10.50 -16.28 9.28
CA VAL A 411 9.09 -16.57 9.63
C VAL A 411 8.14 -16.09 8.51
N LEU A 412 8.47 -14.93 7.94
CA LEU A 412 7.58 -14.21 7.01
C LEU A 412 8.42 -13.83 5.80
N PRO A 413 8.65 -14.80 4.88
CA PRO A 413 9.60 -14.62 3.79
C PRO A 413 8.98 -14.16 2.45
N PHE A 414 7.67 -13.92 2.36
CA PHE A 414 6.96 -13.75 1.07
C PHE A 414 6.86 -12.28 0.63
N GLY A 415 7.26 -11.33 1.47
CA GLY A 415 7.22 -9.90 1.13
C GLY A 415 5.80 -9.36 1.02
N GLY A 416 4.91 -9.89 1.84
CA GLY A 416 3.49 -9.46 1.82
C GLY A 416 3.22 -8.31 2.77
N THR A 417 1.95 -8.00 2.84
CA THR A 417 1.41 -6.95 3.72
C THR A 417 0.29 -7.54 4.57
N PHE A 418 0.02 -6.81 5.66
CA PHE A 418 -1.12 -7.12 6.52
C PHE A 418 -2.17 -6.05 6.25
N ASP A 419 -3.20 -6.50 5.54
CA ASP A 419 -4.24 -5.61 4.94
C ASP A 419 -5.48 -5.53 5.81
N LEU A 420 -6.25 -4.49 5.60
CA LEU A 420 -7.56 -4.26 6.25
C LEU A 420 -8.69 -4.60 5.26
N VAL A 421 -9.58 -5.49 5.66
CA VAL A 421 -10.77 -5.79 4.83
C VAL A 421 -12.02 -5.65 5.67
N GLN A 422 -13.14 -5.51 5.00
CA GLN A 422 -14.47 -5.60 5.63
C GLN A 422 -15.19 -6.84 5.09
N LEU A 423 -15.60 -7.73 5.99
CA LEU A 423 -16.20 -9.04 5.67
C LEU A 423 -17.50 -9.18 6.44
N LYS A 424 -18.58 -9.56 5.79
CA LYS A 424 -19.78 -10.01 6.51
C LYS A 424 -19.43 -11.19 7.43
N GLY A 425 -20.12 -11.27 8.57
CA GLY A 425 -19.96 -12.44 9.42
C GLY A 425 -20.14 -13.74 8.63
N SER A 426 -21.11 -13.85 7.74
CA SER A 426 -21.35 -15.07 6.94
C SER A 426 -20.05 -15.45 6.20
N THR A 427 -19.37 -14.48 5.64
CA THR A 427 -18.10 -14.68 4.88
C THR A 427 -17.05 -15.21 5.84
N LEU A 428 -16.92 -14.60 7.00
CA LEU A 428 -15.88 -15.02 7.96
CA LEU A 428 -15.95 -15.01 8.03
C LEU A 428 -16.20 -16.44 8.46
N LYS A 429 -17.46 -16.79 8.69
CA LYS A 429 -17.81 -18.16 9.15
C LYS A 429 -17.41 -19.13 8.02
N LYS A 430 -17.69 -18.79 6.77
CA LYS A 430 -17.26 -19.64 5.64
C LYS A 430 -15.74 -19.76 5.60
N ALA A 431 -15.00 -18.71 5.89
CA ALA A 431 -13.53 -18.79 5.97
C ALA A 431 -13.14 -19.80 7.06
N PHE A 432 -13.75 -19.76 8.24
CA PHE A 432 -13.39 -20.67 9.35
C PHE A 432 -13.80 -22.10 9.01
N GLU A 433 -14.87 -22.29 8.24
CA GLU A 433 -15.14 -23.67 7.76
C GLU A 433 -14.03 -24.12 6.79
N HIS A 434 -13.58 -23.25 5.91
CA HIS A 434 -12.56 -23.57 4.89
C HIS A 434 -11.27 -23.93 5.66
N SER A 435 -10.97 -23.24 6.76
CA SER A 435 -9.81 -23.43 7.65
C SER A 435 -9.62 -24.90 8.03
N VAL A 436 -10.71 -25.65 8.20
CA VAL A 436 -10.68 -27.04 8.69
C VAL A 436 -11.39 -28.00 7.75
N HIS A 437 -11.68 -27.60 6.50
CA HIS A 437 -12.48 -28.46 5.58
C HIS A 437 -11.81 -29.80 5.31
N ARG A 438 -10.48 -29.84 5.34
CA ARG A 438 -9.73 -31.07 5.03
C ARG A 438 -8.70 -31.28 6.13
N TYR A 439 -9.09 -30.93 7.36
CA TYR A 439 -8.18 -30.95 8.52
C TYR A 439 -7.45 -32.27 8.61
N GLY A 440 -6.17 -32.20 8.92
CA GLY A 440 -5.35 -33.36 9.26
C GLY A 440 -4.22 -33.61 8.26
N GLN A 441 -4.12 -32.81 7.20
CA GLN A 441 -3.17 -32.98 6.10
C GLN A 441 -2.06 -31.95 6.12
N SER A 442 -1.95 -31.16 7.15
CA SER A 442 -0.86 -30.15 7.25
C SER A 442 -0.97 -29.21 6.04
N THR A 443 -2.17 -28.72 5.78
CA THR A 443 -2.39 -27.75 4.70
C THR A 443 -2.39 -26.33 5.28
N GLY A 444 -2.10 -25.37 4.42
CA GLY A 444 -1.77 -23.99 4.84
C GLY A 444 -2.96 -23.16 5.30
N GLU A 445 -4.15 -23.57 4.98
CA GLU A 445 -5.35 -22.70 5.18
C GLU A 445 -5.79 -22.61 6.65
N PHE A 446 -5.28 -23.46 7.56
CA PHE A 446 -5.68 -23.42 8.97
C PHE A 446 -5.34 -22.03 9.53
N LEU A 447 -6.34 -21.42 10.15
CA LEU A 447 -6.21 -20.02 10.56
C LEU A 447 -5.75 -19.85 12.02
N GLN A 448 -4.70 -19.05 12.17
CA GLN A 448 -4.34 -18.41 13.44
C GLN A 448 -5.14 -17.10 13.56
N VAL A 449 -5.32 -16.67 14.79
CA VAL A 449 -6.33 -15.60 15.06
C VAL A 449 -5.88 -14.62 16.12
N GLY A 450 -6.54 -13.46 16.09
CA GLY A 450 -6.55 -12.52 17.21
C GLY A 450 -7.92 -11.87 17.25
N GLY A 451 -8.40 -11.65 18.46
CA GLY A 451 -9.71 -10.99 18.64
C GLY A 451 -10.87 -11.87 18.20
N ILE A 452 -10.62 -13.17 18.05
CA ILE A 452 -11.59 -14.18 17.61
C ILE A 452 -11.33 -15.41 18.46
N HIS A 453 -12.39 -16.00 18.98
CA HIS A 453 -12.39 -17.30 19.67
C HIS A 453 -13.26 -18.25 18.90
N VAL A 454 -12.64 -19.32 18.43
CA VAL A 454 -13.35 -20.30 17.58
C VAL A 454 -13.28 -21.66 18.27
N VAL A 455 -14.34 -22.42 18.13
CA VAL A 455 -14.40 -23.82 18.57
C VAL A 455 -14.86 -24.65 17.36
N TYR A 456 -14.07 -25.67 17.03
CA TYR A 456 -14.38 -26.64 15.98
C TYR A 456 -14.84 -27.95 16.59
N ASP A 457 -15.72 -28.64 15.88
CA ASP A 457 -16.03 -30.07 16.15
C ASP A 457 -15.74 -30.82 14.86
N LEU A 458 -14.57 -31.45 14.82
CA LEU A 458 -14.08 -32.09 13.59
C LEU A 458 -14.86 -33.37 13.28
N SER A 459 -15.71 -33.86 14.19
CA SER A 459 -16.59 -35.04 13.95
C SER A 459 -17.73 -34.63 13.02
N ARG A 460 -18.01 -33.33 12.83
CA ARG A 460 -19.09 -32.87 11.93
C ARG A 460 -18.60 -32.90 10.47
N LYS A 461 -19.53 -32.77 9.52
CA LYS A 461 -19.28 -32.71 8.07
C LYS A 461 -18.44 -31.47 7.78
N PRO A 462 -17.49 -31.54 6.82
CA PRO A 462 -16.88 -30.32 6.28
C PRO A 462 -17.99 -29.30 5.93
N GLY A 463 -17.78 -28.04 6.27
CA GLY A 463 -18.70 -26.91 6.07
C GLY A 463 -19.58 -26.69 7.27
N ASP A 464 -19.56 -27.60 8.24
CA ASP A 464 -20.42 -27.53 9.45
C ASP A 464 -19.62 -27.87 10.72
N ARG A 465 -18.32 -27.58 10.70
CA ARG A 465 -17.41 -27.89 11.83
C ARG A 465 -17.30 -26.72 12.81
N VAL A 466 -17.66 -25.51 12.46
CA VAL A 466 -17.56 -24.37 13.41
C VAL A 466 -18.74 -24.43 14.35
N VAL A 467 -18.48 -24.64 15.64
CA VAL A 467 -19.59 -24.77 16.62
C VAL A 467 -19.69 -23.56 17.56
N LYS A 468 -18.67 -22.73 17.59
CA LYS A 468 -18.73 -21.46 18.33
C LYS A 468 -17.76 -20.51 17.66
N LEU A 469 -18.21 -19.28 17.51
CA LEU A 469 -17.38 -18.24 16.87
C LEU A 469 -17.77 -16.91 17.51
N ASP A 470 -16.86 -16.43 18.36
CA ASP A 470 -17.06 -15.18 19.11
C ASP A 470 -15.98 -14.20 18.70
N VAL A 471 -16.33 -12.93 18.67
CA VAL A 471 -15.45 -11.87 18.15
C VAL A 471 -15.39 -10.70 19.13
N LEU A 472 -14.25 -10.02 19.16
CA LEU A 472 -14.02 -8.88 20.07
C LEU A 472 -14.78 -7.68 19.51
N CYS A 473 -15.57 -7.06 20.35
CA CYS A 473 -16.33 -5.85 19.94
C CYS A 473 -15.36 -4.71 19.61
N THR A 474 -15.82 -3.78 18.76
CA THR A 474 -15.15 -2.51 18.48
C THR A 474 -15.99 -1.36 19.05
N SER A 475 -17.30 -1.44 18.87
CA SER A 475 -18.20 -0.35 19.28
C SER A 475 -18.57 -0.56 20.75
N CYS A 476 -17.57 -0.39 21.59
CA CYS A 476 -17.66 -0.72 23.00
C CYS A 476 -16.49 -0.04 23.69
N ARG A 477 -16.71 0.36 24.93
CA ARG A 477 -15.67 1.01 25.74
C ARG A 477 -14.80 -0.01 26.44
N VAL A 478 -15.36 -1.17 26.73
CA VAL A 478 -14.62 -2.30 27.33
C VAL A 478 -14.65 -3.40 26.29
N PRO A 479 -13.49 -3.79 25.70
CA PRO A 479 -13.52 -4.87 24.71
C PRO A 479 -13.94 -6.17 25.38
N SER A 480 -14.87 -6.86 24.76
CA SER A 480 -15.37 -8.17 25.19
C SER A 480 -15.86 -8.92 23.98
N TYR A 481 -16.04 -10.23 24.15
CA TYR A 481 -16.41 -11.11 23.02
C TYR A 481 -17.92 -11.32 22.95
N ASP A 482 -18.43 -11.28 21.74
CA ASP A 482 -19.86 -11.52 21.45
C ASP A 482 -19.93 -12.57 20.35
N PRO A 483 -21.04 -13.32 20.25
CA PRO A 483 -21.19 -14.19 19.07
C PRO A 483 -21.09 -13.42 17.76
N LEU A 484 -20.44 -14.04 16.78
CA LEU A 484 -20.44 -13.47 15.41
CA LEU A 484 -20.42 -13.52 15.40
C LEU A 484 -21.87 -13.44 14.87
N LYS A 485 -22.19 -12.32 14.21
CA LYS A 485 -23.49 -12.14 13.55
C LYS A 485 -23.30 -12.24 12.04
N MET A 486 -24.18 -13.00 11.41
CA MET A 486 -24.01 -13.35 9.97
C MET A 486 -24.09 -12.09 9.10
N ASP A 487 -24.94 -11.14 9.41
CA ASP A 487 -25.20 -9.97 8.52
C ASP A 487 -24.32 -8.79 8.89
N GLU A 488 -23.59 -8.85 10.02
CA GLU A 488 -22.78 -7.70 10.41
C GLU A 488 -21.49 -7.72 9.58
N VAL A 489 -21.00 -6.54 9.29
CA VAL A 489 -19.74 -6.33 8.57
C VAL A 489 -18.65 -6.10 9.62
N TYR A 490 -17.61 -6.93 9.58
CA TYR A 490 -16.47 -6.83 10.50
C TYR A 490 -15.23 -6.35 9.73
N LYS A 491 -14.47 -5.47 10.35
CA LYS A 491 -13.08 -5.20 9.95
C LYS A 491 -12.17 -6.30 10.43
N VAL A 492 -11.32 -6.76 9.53
CA VAL A 492 -10.38 -7.84 9.80
C VAL A 492 -9.04 -7.50 9.19
N ILE A 493 -7.97 -7.70 9.95
CA ILE A 493 -6.57 -7.60 9.45
CA ILE A 493 -6.58 -7.61 9.42
C ILE A 493 -6.14 -9.01 9.02
N LEU A 494 -5.59 -9.11 7.80
CA LEU A 494 -5.20 -10.41 7.24
C LEU A 494 -4.16 -10.22 6.18
N PRO A 495 -3.40 -11.28 5.87
CA PRO A 495 -2.39 -11.15 4.82
C PRO A 495 -3.02 -10.79 3.47
N ASN A 496 -2.29 -10.00 2.70
CA ASN A 496 -2.72 -9.73 1.31
C ASN A 496 -2.98 -11.04 0.59
N PHE A 497 -2.21 -12.09 0.86
CA PHE A 497 -2.37 -13.38 0.18
C PHE A 497 -3.80 -13.87 0.34
N LEU A 498 -4.35 -13.72 1.56
CA LEU A 498 -5.74 -14.16 1.83
C LEU A 498 -6.77 -13.18 1.25
N ALA A 499 -6.50 -11.89 1.32
CA ALA A 499 -7.46 -10.91 0.76
C ALA A 499 -7.65 -11.20 -0.74
N ASN A 500 -6.59 -11.68 -1.39
CA ASN A 500 -6.56 -11.96 -2.84
C ASN A 500 -7.09 -13.36 -3.12
N GLY A 501 -7.59 -14.10 -2.12
CA GLY A 501 -8.20 -15.44 -2.31
C GLY A 501 -7.20 -16.60 -2.29
N GLY A 502 -5.98 -16.39 -1.79
CA GLY A 502 -4.98 -17.44 -1.65
C GLY A 502 -5.44 -18.53 -0.73
N ASP A 503 -4.83 -19.69 -0.83
CA ASP A 503 -5.14 -20.86 0.03
C ASP A 503 -6.60 -21.26 -0.09
N GLY A 504 -7.24 -20.97 -1.21
CA GLY A 504 -8.62 -21.37 -1.47
C GLY A 504 -9.67 -20.51 -0.80
N PHE A 505 -9.27 -19.38 -0.24
CA PHE A 505 -10.20 -18.43 0.43
C PHE A 505 -10.91 -17.55 -0.62
N GLN A 506 -11.55 -18.19 -1.61
CA GLN A 506 -12.21 -17.46 -2.69
C GLN A 506 -13.35 -16.63 -2.12
N MET A 507 -13.98 -17.08 -1.04
CA MET A 507 -15.11 -16.35 -0.44
C MET A 507 -14.63 -14.98 0.04
N ILE A 508 -13.40 -14.87 0.53
CA ILE A 508 -12.89 -13.58 1.03
C ILE A 508 -12.76 -12.65 -0.16
N LYS A 509 -12.08 -13.09 -1.21
CA LYS A 509 -11.92 -12.23 -2.41
C LYS A 509 -13.29 -11.81 -2.95
N ASP A 510 -14.20 -12.77 -3.06
CA ASP A 510 -15.42 -12.56 -3.86
C ASP A 510 -16.45 -11.79 -3.04
N GLU A 511 -16.37 -11.82 -1.70
CA GLU A 511 -17.48 -11.28 -0.87
C GLU A 511 -17.01 -10.04 -0.09
N LEU A 512 -15.72 -9.72 -0.07
CA LEU A 512 -15.29 -8.59 0.77
C LEU A 512 -15.90 -7.28 0.25
N LEU A 513 -16.14 -6.38 1.19
CA LEU A 513 -16.81 -5.10 0.89
CA LEU A 513 -16.81 -5.09 0.91
C LEU A 513 -15.78 -3.97 0.76
N ARG A 514 -14.61 -4.13 1.35
CA ARG A 514 -13.55 -3.13 1.32
C ARG A 514 -12.23 -3.88 1.45
N HIS A 515 -11.20 -3.38 0.79
CA HIS A 515 -9.83 -3.87 0.94
C HIS A 515 -8.87 -2.70 0.79
N ASP A 516 -7.98 -2.55 1.76
CA ASP A 516 -6.91 -1.53 1.68
C ASP A 516 -5.60 -2.17 2.06
N SER A 517 -4.58 -1.89 1.26
CA SER A 517 -3.28 -2.58 1.52
CA SER A 517 -3.22 -2.49 1.47
C SER A 517 -2.60 -1.94 2.76
N GLY A 518 -2.04 -2.80 3.59
CA GLY A 518 -1.42 -2.37 4.82
C GLY A 518 0.08 -2.44 4.81
N ASP A 519 0.68 -2.49 5.98
CA ASP A 519 2.14 -2.39 6.18
C ASP A 519 2.81 -3.73 5.87
N GLN A 520 4.11 -3.64 5.60
CA GLN A 520 4.93 -4.83 5.31
C GLN A 520 4.84 -5.81 6.46
N ASP A 521 4.60 -7.08 6.18
CA ASP A 521 4.47 -8.12 7.23
C ASP A 521 5.63 -8.10 8.24
N ILE A 522 6.87 -8.23 7.81
CA ILE A 522 7.99 -8.28 8.77
C ILE A 522 7.97 -7.00 9.61
N ASN A 523 7.76 -5.85 8.98
CA ASN A 523 7.86 -4.55 9.65
C ASN A 523 6.81 -4.45 10.78
N VAL A 524 5.63 -4.98 10.52
CA VAL A 524 4.56 -4.97 11.55
C VAL A 524 5.08 -5.71 12.77
N VAL A 525 5.63 -6.88 12.59
CA VAL A 525 6.05 -7.69 13.74
C VAL A 525 7.30 -7.07 14.38
N SER A 526 8.25 -6.61 13.59
CA SER A 526 9.47 -5.99 14.14
CA SER A 526 9.47 -5.94 14.10
C SER A 526 9.10 -4.77 15.02
N THR A 527 8.18 -3.93 14.57
CA THR A 527 7.78 -2.76 15.37
C THR A 527 7.19 -3.20 16.70
N TYR A 528 6.31 -4.16 16.66
CA TYR A 528 5.60 -4.64 17.87
C TYR A 528 6.64 -5.20 18.86
N ILE A 529 7.57 -6.01 18.37
CA ILE A 529 8.62 -6.59 19.24
C ILE A 529 9.49 -5.44 19.81
N SER A 530 9.87 -4.46 18.99
CA SER A 530 10.68 -3.33 19.50
C SER A 530 9.89 -2.59 20.59
N LYS A 531 8.58 -2.42 20.41
CA LYS A 531 7.74 -1.65 21.39
C LYS A 531 7.69 -2.46 22.69
N MET A 532 7.49 -3.79 22.58
CA MET A 532 7.22 -4.66 23.76
C MET A 532 8.51 -4.94 24.54
N LYS A 533 9.66 -4.98 23.85
CA LYS A 533 11.03 -5.15 24.41
C LYS A 533 11.25 -6.61 24.84
N VAL A 534 10.31 -7.18 25.59
CA VAL A 534 10.40 -8.59 26.02
C VAL A 534 9.03 -9.19 25.79
N ILE A 535 8.95 -10.26 25.02
CA ILE A 535 7.67 -10.92 24.69
C ILE A 535 7.63 -12.33 25.23
N TYR A 536 6.41 -12.77 25.49
CA TYR A 536 6.16 -14.10 26.06
C TYR A 536 4.79 -14.61 25.66
N PRO A 537 4.49 -14.66 24.33
CA PRO A 537 3.17 -15.09 23.90
C PRO A 537 2.87 -16.54 24.30
N ALA A 538 1.67 -16.74 24.78
CA ALA A 538 1.11 -18.02 25.20
C ALA A 538 0.12 -18.56 24.18
N VAL A 539 -0.13 -19.85 24.27
CA VAL A 539 -1.29 -20.53 23.67
C VAL A 539 -2.37 -20.46 24.75
N GLU A 540 -3.52 -19.88 24.43
CA GLU A 540 -4.48 -19.48 25.48
C GLU A 540 -5.91 -19.84 25.21
N GLY A 541 -6.23 -20.65 24.21
CA GLY A 541 -7.58 -21.07 23.93
C GLY A 541 -8.32 -20.15 22.97
N ARG A 542 -7.61 -19.43 22.12
CA ARG A 542 -8.29 -18.71 21.02
C ARG A 542 -8.89 -19.71 20.03
N ILE A 543 -8.31 -20.89 19.88
CA ILE A 543 -8.81 -21.98 19.00
C ILE A 543 -8.94 -23.22 19.87
N LYS A 544 -10.13 -23.81 19.91
CA LYS A 544 -10.32 -25.08 20.61
C LYS A 544 -11.04 -26.09 19.72
N PHE A 545 -10.94 -27.34 20.12
CA PHE A 545 -11.58 -28.48 19.43
C PHE A 545 -12.46 -29.17 20.46
N SER A 546 -13.65 -29.50 20.07
CA SER A 546 -14.58 -30.16 20.99
C SER A 546 -14.62 -31.64 20.65
ZN ZN B . -0.28 1.60 -1.60
ZN ZN C . -2.45 3.81 -0.65
CA CA D . -8.12 21.40 -20.43
C1 GOL E . 16.12 9.25 -15.21
C1 GOL E . 16.64 10.38 -14.95
O1 GOL E . 14.86 9.52 -14.57
O1 GOL E . 16.57 10.97 -13.65
C2 GOL E . 16.80 10.52 -15.68
C2 GOL E . 17.15 11.40 -15.94
O2 GOL E . 16.02 11.09 -16.73
O2 GOL E . 16.67 11.10 -17.25
C3 GOL E . 17.00 11.59 -14.62
C3 GOL E . 18.66 11.51 -15.94
O3 GOL E . 17.79 12.65 -15.12
O3 GOL E . 19.05 12.82 -15.54
P 5GP F . 4.15 -25.71 1.90
O1P 5GP F . 3.11 -26.79 2.21
O2P 5GP F . 5.24 -25.62 2.99
O3P 5GP F . 4.77 -25.80 0.48
O5' 5GP F . 3.51 -24.19 1.95
C5' 5GP F . 2.40 -23.79 1.13
C4' 5GP F . 1.64 -22.75 1.92
O4' 5GP F . 2.40 -21.53 2.02
C3' 5GP F . 0.33 -22.30 1.29
O3' 5GP F . -0.70 -23.22 1.62
C2' 5GP F . 0.09 -20.97 2.00
O2' 5GP F . -0.49 -21.09 3.29
C1' 5GP F . 1.52 -20.43 2.09
N9 5GP F . 1.87 -19.55 0.99
C8 5GP F . 2.29 -19.95 -0.25
N7 5GP F . 2.60 -18.95 -1.04
C5 5GP F . 2.37 -17.83 -0.26
C6 5GP F . 2.55 -16.47 -0.62
O6 5GP F . 2.94 -15.99 -1.70
N1 5GP F . 2.18 -15.64 0.45
C2 5GP F . 1.71 -16.12 1.66
N2 5GP F . 1.47 -15.22 2.57
N3 5GP F . 1.59 -17.42 2.05
C4 5GP F . 1.90 -18.19 0.99
#